data_2QWQ
#
_entry.id   2QWQ
#
_cell.length_a   38.797
_cell.length_b   56.494
_cell.length_c   225.878
_cell.angle_alpha   90.000
_cell.angle_beta   90.000
_cell.angle_gamma   90.000
#
_symmetry.space_group_name_H-M   'P 21 21 21'
#
loop_
_entity.id
_entity.type
_entity.pdbx_description
1 polymer 'Heat shock cognate 71 kDa protein'
2 polymer 'Putative tyrosine-protein phosphatase auxilin'
3 non-polymer 'PHOSPHATE ION'
4 non-polymer "ADENOSINE-5'-DIPHOSPHATE"
5 non-polymer 'ACETIC ACID'
6 non-polymer GLYCEROL
7 water water
#
loop_
_entity_poly.entity_id
_entity_poly.type
_entity_poly.pdbx_seq_one_letter_code
_entity_poly.pdbx_strand_id
1 'polypeptide(L)'
;MSKGPAVGIDLGTTYSCVGVFQHGKVEIIANDQGNRTTPSYVAFTDTERLIGDAAKNQVAMNPTNTVFDAKRLIGRRFDD
AVVQSDMKHWPFMVVNDAGRPKVQVEYKGETKSFYPEEVSSMVLTKMKEIAEAYLGKTVTNAVVTVPAYFNDSQRQATKD
AGTIAGLNVLCIINEPTAAAIAYGLDKKVGAERNVLIFDLGGGTFDVSILTIEDGIFEVKSTAGDTHLGGEDFDNRMVNH
FIAEFKRKHKKDISENKRAVRRLRTACERAKRTLSSSTQASIEIDSLYEGIDFYTSITRARFEELNADLFRGTLDPVEKA
LRDAKLDKSQIHDIVLVGGSTRIPKIQKLLQDFFNGKELNKSINPDEAVAYGAAVQAAILSGDKSENVQDLLLL
;
A
2 'polypeptide(L)'
;DPEKLKILEWIEGKERNIRALLSTMHTVLWAGETKWKPVGMADLVTPEQVKKVYRKAVLVVHPCKATGQPYEQYAKMIFM
ELNDAWSEFENQ
;
B
#
loop_
_chem_comp.id
_chem_comp.type
_chem_comp.name
_chem_comp.formula
ACY non-polymer 'ACETIC ACID' 'C2 H4 O2'
ADP non-polymer ADENOSINE-5'-DIPHOSPHATE 'C10 H15 N5 O10 P2'
GOL non-polymer GLYCEROL 'C3 H8 O3'
PO4 non-polymer 'PHOSPHATE ION' 'O4 P -3'
#
# COMPACT_ATOMS: atom_id res chain seq x y z
N GLY A 4 -2.26 5.76 21.70
CA GLY A 4 -3.54 5.05 21.43
C GLY A 4 -3.59 4.25 20.13
N PRO A 5 -3.92 4.90 19.00
CA PRO A 5 -4.38 4.18 17.81
C PRO A 5 -3.29 3.49 17.00
N ALA A 6 -3.71 2.46 16.27
CA ALA A 6 -2.89 1.86 15.23
C ALA A 6 -3.29 2.46 13.88
N VAL A 7 -2.33 2.60 12.99
CA VAL A 7 -2.56 3.23 11.70
C VAL A 7 -2.39 2.23 10.55
N GLY A 8 -2.90 2.58 9.38
CA GLY A 8 -2.67 1.82 8.19
C GLY A 8 -1.70 2.57 7.30
N ILE A 9 -0.69 1.88 6.79
CA ILE A 9 0.24 2.52 5.87
C ILE A 9 0.35 1.75 4.57
N ASP A 10 0.02 2.44 3.48
CA ASP A 10 0.33 1.99 2.14
C ASP A 10 1.78 2.37 1.80
N LEU A 11 2.69 1.39 1.80
CA LEU A 11 4.08 1.67 1.44
C LEU A 11 4.24 1.37 -0.05
N GLY A 12 4.19 2.43 -0.85
CA GLY A 12 4.00 2.34 -2.28
C GLY A 12 5.30 2.62 -3.00
N THR A 13 5.42 2.00 -4.18
CA THR A 13 6.52 2.19 -5.09
C THR A 13 6.86 3.68 -5.29
N THR A 14 5.84 4.50 -5.54
CA THR A 14 6.07 5.91 -5.90
C THR A 14 5.50 6.90 -4.88
N TYR A 15 4.41 6.51 -4.24
CA TYR A 15 3.76 7.32 -3.20
C TYR A 15 3.41 6.44 -2.04
N SER A 16 3.41 7.04 -0.86
CA SER A 16 2.97 6.38 0.36
C SER A 16 1.88 7.22 0.96
N CYS A 17 0.99 6.56 1.70
CA CYS A 17 -0.23 7.14 2.21
C CYS A 17 -0.54 6.49 3.57
N VAL A 18 -0.91 7.31 4.55
CA VAL A 18 -1.19 6.81 5.88
C VAL A 18 -2.63 7.18 6.28
N GLY A 19 -3.35 6.24 6.87
CA GLY A 19 -4.70 6.50 7.35
C GLY A 19 -4.90 6.00 8.75
N VAL A 20 -5.94 6.48 9.42
CA VAL A 20 -6.21 6.07 10.79
C VAL A 20 -7.73 5.91 11.03
N PHE A 21 -8.11 4.80 11.64
CA PHE A 21 -9.49 4.59 12.07
C PHE A 21 -9.65 5.14 13.48
N GLN A 22 -10.52 6.13 13.60
CA GLN A 22 -10.61 6.98 14.78
C GLN A 22 -11.95 7.67 14.77
N HIS A 23 -12.63 7.64 15.92
CA HIS A 23 -13.96 8.25 16.10
C HIS A 23 -14.97 7.84 15.03
N GLY A 24 -14.98 6.55 14.69
CA GLY A 24 -15.99 5.99 13.79
C GLY A 24 -15.66 6.03 12.31
N LYS A 25 -14.72 6.90 11.91
CA LYS A 25 -14.35 7.09 10.50
C LYS A 25 -12.88 6.79 10.27
N VAL A 26 -12.51 6.46 9.02
CA VAL A 26 -11.12 6.45 8.58
C VAL A 26 -10.76 7.84 8.07
N GLU A 27 -9.72 8.43 8.65
CA GLU A 27 -9.17 9.66 8.09
C GLU A 27 -7.89 9.32 7.36
N ILE A 28 -7.79 9.77 6.11
CA ILE A 28 -6.52 9.71 5.37
C ILE A 28 -5.83 11.02 5.63
N ILE A 29 -4.59 10.95 6.14
CA ILE A 29 -3.95 12.08 6.82
C ILE A 29 -3.01 12.85 5.89
N ALA A 30 -3.23 14.17 5.79
CA ALA A 30 -2.40 15.03 4.98
C ALA A 30 -1.05 15.31 5.69
N ASN A 31 0.01 15.44 4.90
CA ASN A 31 1.34 15.79 5.44
C ASN A 31 1.41 17.30 5.66
N ASP A 32 2.55 17.82 6.13
CA ASP A 32 2.67 19.23 6.47
C ASP A 32 2.62 20.18 5.27
N GLN A 33 2.66 19.60 4.07
CA GLN A 33 2.53 20.38 2.83
C GLN A 33 1.10 20.33 2.34
N GLY A 34 0.24 19.62 3.06
CA GLY A 34 -1.16 19.48 2.69
C GLY A 34 -1.48 18.26 1.85
N ASN A 35 -0.47 17.44 1.54
CA ASN A 35 -0.68 16.32 0.63
C ASN A 35 -1.01 14.99 1.35
N ARG A 36 -2.08 14.33 0.88
CA ARG A 36 -2.60 13.07 1.46
C ARG A 36 -1.91 11.81 0.97
N THR A 37 -1.11 11.95 -0.09
CA THR A 37 -0.05 10.96 -0.42
C THR A 37 1.32 11.65 -0.38
N THR A 38 2.38 10.85 -0.22
CA THR A 38 3.71 11.37 0.01
C THR A 38 4.72 10.56 -0.85
N PRO A 39 5.50 11.23 -1.72
CA PRO A 39 6.52 10.52 -2.52
C PRO A 39 7.38 9.59 -1.67
N SER A 40 7.61 8.37 -2.15
CA SER A 40 8.52 7.43 -1.53
C SER A 40 9.96 7.77 -1.91
N TYR A 41 10.37 8.99 -1.60
CA TYR A 41 11.66 9.54 -2.02
C TYR A 41 12.52 9.88 -0.82
N VAL A 42 13.81 9.49 -0.88
CA VAL A 42 14.76 9.98 0.10
C VAL A 42 15.95 10.64 -0.59
N ALA A 43 16.22 11.90 -0.24
CA ALA A 43 17.32 12.64 -0.82
C ALA A 43 18.34 13.00 0.25
N PHE A 44 19.62 12.91 -0.10
CA PHE A 44 20.69 13.31 0.83
C PHE A 44 21.51 14.44 0.22
N THR A 45 21.62 15.54 0.94
CA THR A 45 22.39 16.69 0.50
C THR A 45 23.62 16.88 1.39
N ASP A 46 24.29 18.03 1.22
CA ASP A 46 25.38 18.44 2.11
C ASP A 46 24.93 18.62 3.56
N THR A 47 23.65 18.96 3.75
CA THR A 47 23.15 19.47 5.02
C THR A 47 21.95 18.76 5.64
N GLU A 48 21.21 17.97 4.85
CA GLU A 48 20.01 17.33 5.38
C GLU A 48 19.61 16.08 4.64
N ARG A 49 18.93 15.19 5.37
CA ARG A 49 18.24 14.07 4.77
C ARG A 49 16.79 14.50 4.51
N LEU A 50 16.40 14.49 3.24
CA LEU A 50 15.08 14.96 2.81
C LEU A 50 14.16 13.79 2.50
N ILE A 51 12.94 13.86 3.01
CA ILE A 51 11.98 12.79 2.77
C ILE A 51 10.65 13.35 2.22
N GLY A 52 10.10 12.63 1.25
CA GLY A 52 8.82 12.98 0.66
C GLY A 52 8.95 14.06 -0.38
N ASP A 53 8.09 15.07 -0.25
CA ASP A 53 7.97 16.12 -1.25
C ASP A 53 9.27 16.89 -1.43
N ALA A 54 9.88 17.32 -0.33
CA ALA A 54 11.12 18.09 -0.37
C ALA A 54 12.23 17.34 -1.12
N ALA A 55 12.25 16.02 -0.98
CA ALA A 55 13.15 15.13 -1.72
C ALA A 55 12.78 15.06 -3.21
N LYS A 56 11.49 14.88 -3.50
CA LYS A 56 11.01 14.81 -4.87
C LYS A 56 11.24 16.12 -5.64
N ASN A 57 10.92 17.25 -5.00
CA ASN A 57 11.07 18.58 -5.60
C ASN A 57 12.50 18.99 -5.96
N GLN A 58 13.50 18.33 -5.38
CA GLN A 58 14.91 18.66 -5.66
C GLN A 58 15.66 17.63 -6.51
N VAL A 59 14.97 16.61 -7.00
CA VAL A 59 15.59 15.51 -7.76
C VAL A 59 16.36 15.98 -9.01
N ALA A 60 16.06 17.18 -9.50
CA ALA A 60 16.71 17.70 -10.68
C ALA A 60 18.11 18.26 -10.36
N MET A 61 18.23 18.96 -9.22
CA MET A 61 19.52 19.57 -8.80
C MET A 61 20.46 18.58 -8.12
N ASN A 62 19.97 17.36 -7.88
CA ASN A 62 20.66 16.36 -7.06
C ASN A 62 20.22 14.93 -7.40
N PRO A 63 20.27 14.57 -8.69
CA PRO A 63 19.74 13.28 -9.17
C PRO A 63 20.36 12.00 -8.58
N THR A 64 21.65 12.04 -8.27
CA THR A 64 22.40 10.84 -7.89
C THR A 64 22.19 10.46 -6.41
N ASN A 65 21.71 11.42 -5.63
CA ASN A 65 21.55 11.24 -4.18
C ASN A 65 20.09 11.24 -3.73
N THR A 66 19.20 11.32 -4.71
CA THR A 66 17.77 11.21 -4.48
C THR A 66 17.37 9.76 -4.80
N VAL A 67 17.24 8.94 -3.75
CA VAL A 67 16.82 7.55 -3.89
C VAL A 67 15.30 7.48 -4.03
N PHE A 68 14.85 6.53 -4.84
CA PHE A 68 13.45 6.23 -5.02
C PHE A 68 13.41 4.81 -5.52
N ASP A 69 12.21 4.22 -5.59
CA ASP A 69 12.00 2.85 -6.12
C ASP A 69 12.64 1.73 -5.27
N ALA A 70 12.80 1.98 -3.98
CA ALA A 70 13.36 0.98 -3.07
C ALA A 70 12.47 -0.25 -2.91
N LYS A 71 11.16 -0.08 -3.08
CA LYS A 71 10.23 -1.21 -3.05
C LYS A 71 10.64 -2.25 -4.07
N ARG A 72 11.35 -1.84 -5.11
CA ARG A 72 11.81 -2.76 -6.16
C ARG A 72 13.04 -3.56 -5.76
N LEU A 73 13.77 -3.07 -4.76
CA LEU A 73 14.99 -3.72 -4.25
C LEU A 73 14.73 -4.55 -3.01
N ILE A 74 13.59 -4.32 -2.36
CA ILE A 74 13.31 -4.92 -1.05
C ILE A 74 13.04 -6.44 -1.14
N GLY A 75 13.69 -7.21 -0.27
CA GLY A 75 13.54 -8.67 -0.25
C GLY A 75 14.32 -9.39 -1.33
N ARG A 76 15.21 -8.68 -2.02
CA ARG A 76 15.92 -9.20 -3.18
C ARG A 76 17.42 -9.41 -2.97
N ARG A 77 17.97 -10.39 -3.69
CA ARG A 77 19.42 -10.56 -3.82
C ARG A 77 19.95 -9.62 -4.91
N PHE A 78 21.21 -9.20 -4.79
CA PHE A 78 21.84 -8.31 -5.78
C PHE A 78 21.91 -9.01 -7.17
N ASP A 79 22.21 -10.31 -7.15
CA ASP A 79 22.29 -11.10 -8.38
C ASP A 79 20.89 -11.50 -8.92
N ASP A 80 19.85 -10.82 -8.45
CA ASP A 80 18.48 -11.02 -9.00
C ASP A 80 18.37 -10.33 -10.35
N ALA A 81 17.81 -11.05 -11.32
CA ALA A 81 17.59 -10.52 -12.67
C ALA A 81 16.92 -9.15 -12.63
N VAL A 82 15.88 -9.05 -11.80
CA VAL A 82 15.08 -7.85 -11.61
C VAL A 82 15.91 -6.66 -11.10
N VAL A 83 16.81 -6.94 -10.16
CA VAL A 83 17.69 -5.89 -9.60
C VAL A 83 18.61 -5.33 -10.68
N GLN A 84 19.20 -6.25 -11.46
CA GLN A 84 20.18 -5.95 -12.51
C GLN A 84 19.57 -5.20 -13.68
N SER A 85 18.37 -5.65 -14.08
CA SER A 85 17.57 -4.99 -15.10
C SER A 85 17.29 -3.53 -14.71
N ASP A 86 16.74 -3.35 -13.50
CA ASP A 86 16.27 -2.06 -13.02
C ASP A 86 17.36 -1.04 -12.74
N MET A 87 18.51 -1.52 -12.28
CA MET A 87 19.66 -0.66 -11.96
C MET A 87 20.01 0.33 -13.05
N LYS A 88 19.95 -0.12 -14.31
CA LYS A 88 20.28 0.70 -15.47
C LYS A 88 19.45 1.98 -15.52
N HIS A 89 18.22 1.89 -15.04
CA HIS A 89 17.24 2.97 -15.12
C HIS A 89 17.45 4.04 -14.04
N TRP A 90 18.12 3.69 -12.94
CA TRP A 90 18.31 4.61 -11.82
C TRP A 90 19.57 5.49 -11.92
N PRO A 91 19.44 6.76 -11.52
CA PRO A 91 20.55 7.71 -11.48
C PRO A 91 21.41 7.55 -10.21
N PHE A 92 20.86 6.93 -9.17
CA PHE A 92 21.61 6.63 -7.95
C PHE A 92 22.32 5.29 -8.09
N MET A 93 23.36 5.10 -7.28
CA MET A 93 24.18 3.91 -7.40
C MET A 93 23.75 2.80 -6.44
N VAL A 94 23.68 1.58 -6.95
CA VAL A 94 23.33 0.40 -6.17
C VAL A 94 24.55 -0.51 -6.10
N VAL A 95 25.04 -0.77 -4.89
CA VAL A 95 26.24 -1.62 -4.71
C VAL A 95 25.92 -3.01 -4.11
N ASN A 96 26.92 -3.90 -4.17
CA ASN A 96 26.82 -5.26 -3.64
C ASN A 96 27.47 -5.43 -2.27
N ASP A 97 26.65 -5.68 -1.25
CA ASP A 97 27.16 -6.02 0.08
C ASP A 97 26.86 -7.48 0.40
N ALA A 98 27.78 -8.36 -0.01
CA ALA A 98 27.67 -9.81 0.19
C ALA A 98 26.33 -10.40 -0.27
N GLY A 99 25.90 -10.04 -1.48
CA GLY A 99 24.71 -10.63 -2.09
C GLY A 99 23.43 -9.91 -1.70
N ARG A 100 23.61 -8.74 -1.10
CA ARG A 100 22.52 -7.89 -0.67
C ARG A 100 22.66 -6.52 -1.32
N PRO A 101 21.59 -6.05 -2.01
CA PRO A 101 21.61 -4.71 -2.60
C PRO A 101 21.73 -3.60 -1.55
N LYS A 102 22.51 -2.58 -1.87
CA LYS A 102 22.58 -1.39 -1.06
C LYS A 102 22.51 -0.22 -2.03
N VAL A 103 22.27 0.98 -1.52
CA VAL A 103 22.30 2.15 -2.39
C VAL A 103 23.40 3.06 -1.89
N GLN A 104 24.32 3.43 -2.78
CA GLN A 104 25.41 4.29 -2.38
C GLN A 104 25.07 5.73 -2.72
N VAL A 105 25.21 6.64 -1.75
CA VAL A 105 24.92 8.07 -1.93
C VAL A 105 25.98 8.96 -1.29
N GLU A 106 26.02 10.24 -1.66
CA GLU A 106 26.78 11.25 -0.91
C GLU A 106 25.88 11.98 0.09
N TYR A 107 26.18 11.85 1.38
CA TYR A 107 25.43 12.50 2.45
C TYR A 107 26.35 13.21 3.43
N LYS A 108 26.25 14.54 3.45
CA LYS A 108 27.08 15.42 4.30
C LYS A 108 28.60 15.26 4.06
N GLY A 109 28.96 15.17 2.78
CA GLY A 109 30.37 15.13 2.38
C GLY A 109 30.93 13.71 2.29
N GLU A 110 30.34 12.81 3.07
CA GLU A 110 30.76 11.41 3.12
C GLU A 110 29.89 10.53 2.22
N THR A 111 30.54 9.53 1.63
CA THR A 111 29.87 8.42 0.94
C THR A 111 29.14 7.57 1.98
N LYS A 112 27.92 7.18 1.66
CA LYS A 112 27.11 6.36 2.56
C LYS A 112 26.36 5.33 1.74
N SER A 113 26.14 4.15 2.31
CA SER A 113 25.29 3.15 1.68
C SER A 113 24.15 2.71 2.63
N PHE A 114 23.00 2.40 2.05
CA PHE A 114 21.85 1.94 2.84
C PHE A 114 21.19 0.72 2.24
N TYR A 115 20.67 -0.16 3.10
CA TYR A 115 19.91 -1.31 2.65
C TYR A 115 18.53 -0.84 2.21
N PRO A 116 17.86 -1.59 1.32
CA PRO A 116 16.57 -1.13 0.81
C PRO A 116 15.51 -1.00 1.90
N GLU A 117 15.54 -1.87 2.92
CA GLU A 117 14.58 -1.77 4.02
C GLU A 117 14.86 -0.58 4.94
N GLU A 118 16.09 -0.09 4.88
CA GLU A 118 16.46 1.10 5.62
C GLU A 118 15.92 2.35 4.97
N VAL A 119 15.96 2.40 3.62
CA VAL A 119 15.37 3.49 2.84
C VAL A 119 13.85 3.48 3.04
N SER A 120 13.25 2.29 2.91
CA SER A 120 11.82 2.15 3.12
C SER A 120 11.46 2.47 4.57
N SER A 121 12.39 2.27 5.48
CA SER A 121 12.17 2.65 6.88
C SER A 121 12.08 4.16 7.03
N MET A 122 12.80 4.88 6.18
CA MET A 122 12.83 6.35 6.22
C MET A 122 11.53 6.96 5.74
N VAL A 123 10.99 6.36 4.70
CA VAL A 123 9.67 6.70 4.18
C VAL A 123 8.65 6.42 5.27
N LEU A 124 8.78 5.26 5.92
CA LEU A 124 7.84 4.81 6.94
C LEU A 124 7.86 5.70 8.17
N THR A 125 9.06 6.09 8.57
CA THR A 125 9.25 7.07 9.64
C THR A 125 8.55 8.37 9.30
N LYS A 126 8.66 8.79 8.04
CA LYS A 126 8.05 10.02 7.58
C LYS A 126 6.53 9.91 7.72
N MET A 127 5.96 8.83 7.20
CA MET A 127 4.53 8.54 7.33
C MET A 127 4.07 8.46 8.78
N LYS A 128 4.93 7.88 9.62
CA LYS A 128 4.67 7.74 11.04
C LYS A 128 4.51 9.11 11.67
N GLU A 129 5.44 10.02 11.36
CA GLU A 129 5.36 11.40 11.86
C GLU A 129 4.12 12.18 11.38
N ILE A 130 3.69 11.91 10.16
CA ILE A 130 2.52 12.52 9.56
C ILE A 130 1.29 12.21 10.39
N ALA A 131 1.11 10.93 10.71
CA ALA A 131 0.05 10.45 11.60
C ALA A 131 0.14 11.02 13.03
N GLU A 132 1.37 11.15 13.55
CA GLU A 132 1.61 11.66 14.89
C GLU A 132 1.31 13.15 15.00
N ALA A 133 1.59 13.87 13.92
CA ALA A 133 1.33 15.30 13.86
C ALA A 133 -0.16 15.55 13.87
N TYR A 134 -0.91 14.67 13.22
CA TYR A 134 -2.35 14.77 13.19
C TYR A 134 -2.99 14.31 14.51
N LEU A 135 -2.46 13.24 15.10
CA LEU A 135 -3.08 12.63 16.27
C LEU A 135 -2.66 13.25 17.59
N GLY A 136 -1.54 13.96 17.61
CA GLY A 136 -1.08 14.64 18.82
C GLY A 136 -0.46 13.68 19.83
N LYS A 137 -0.16 12.47 19.38
CA LYS A 137 0.52 11.48 20.21
C LYS A 137 1.41 10.60 19.34
N THR A 138 2.19 9.75 20.00
CA THR A 138 3.12 8.84 19.31
C THR A 138 2.41 7.64 18.73
N VAL A 139 2.84 7.25 17.53
CA VAL A 139 2.29 6.08 16.86
C VAL A 139 3.35 4.96 16.92
N THR A 140 2.91 3.74 17.21
CA THR A 140 3.80 2.58 17.19
C THR A 140 3.19 1.46 16.35
N ASN A 141 1.99 1.02 16.70
CA ASN A 141 1.34 -0.08 16.01
C ASN A 141 0.85 0.32 14.63
N ALA A 142 1.21 -0.47 13.62
CA ALA A 142 0.75 -0.25 12.26
C ALA A 142 0.56 -1.56 11.49
N VAL A 143 -0.38 -1.53 10.56
CA VAL A 143 -0.50 -2.56 9.53
C VAL A 143 0.09 -1.92 8.26
N VAL A 144 1.01 -2.63 7.61
CA VAL A 144 1.65 -2.13 6.39
C VAL A 144 1.30 -3.07 5.26
N THR A 145 1.08 -2.51 4.07
CA THR A 145 0.60 -3.30 2.93
C THR A 145 1.72 -3.59 1.95
N VAL A 146 1.56 -4.65 1.16
CA VAL A 146 2.51 -5.11 0.15
C VAL A 146 1.74 -5.64 -1.07
N PRO A 147 2.38 -5.74 -2.26
CA PRO A 147 1.70 -6.38 -3.37
C PRO A 147 1.40 -7.83 -3.09
N ALA A 148 0.30 -8.31 -3.65
CA ALA A 148 -0.14 -9.69 -3.46
C ALA A 148 0.88 -10.72 -3.94
N TYR A 149 1.63 -10.36 -4.99
CA TYR A 149 2.66 -11.24 -5.52
C TYR A 149 3.94 -11.25 -4.67
N PHE A 150 4.04 -10.38 -3.67
CA PHE A 150 5.23 -10.38 -2.78
C PHE A 150 5.45 -11.75 -2.13
N ASN A 151 6.69 -12.20 -2.14
CA ASN A 151 7.06 -13.44 -1.48
C ASN A 151 7.36 -13.21 0.02
N ASP A 152 7.62 -14.28 0.76
CA ASP A 152 7.98 -14.19 2.17
C ASP A 152 9.18 -13.29 2.45
N SER A 153 10.19 -13.35 1.60
CA SER A 153 11.42 -12.57 1.79
C SER A 153 11.17 -11.06 1.64
N GLN A 154 10.21 -10.72 0.77
CA GLN A 154 9.82 -9.36 0.52
C GLN A 154 8.92 -8.87 1.63
N ARG A 155 8.02 -9.74 2.07
CA ARG A 155 7.11 -9.46 3.19
C ARG A 155 7.89 -9.29 4.52
N GLN A 156 8.88 -10.14 4.75
CA GLN A 156 9.72 -10.04 5.94
C GLN A 156 10.57 -8.77 5.89
N ALA A 157 11.05 -8.41 4.71
CA ALA A 157 11.82 -7.18 4.54
C ALA A 157 10.97 -5.91 4.76
N THR A 158 9.71 -5.94 4.33
CA THR A 158 8.78 -4.82 4.58
C THR A 158 8.47 -4.69 6.09
N LYS A 159 8.31 -5.81 6.77
CA LYS A 159 8.10 -5.83 8.22
C LYS A 159 9.33 -5.29 8.96
N ASP A 160 10.51 -5.68 8.48
CA ASP A 160 11.80 -5.20 9.00
C ASP A 160 11.94 -3.69 8.86
N ALA A 161 11.40 -3.14 7.78
CA ALA A 161 11.41 -1.71 7.51
C ALA A 161 10.62 -0.94 8.56
N GLY A 162 9.51 -1.53 8.99
CA GLY A 162 8.66 -0.99 10.04
C GLY A 162 9.40 -0.94 11.36
N THR A 163 10.00 -2.07 11.74
CA THR A 163 10.79 -2.15 12.97
C THR A 163 11.87 -1.07 13.04
N ILE A 164 12.51 -0.80 11.90
CA ILE A 164 13.59 0.18 11.82
C ILE A 164 13.02 1.58 11.90
N ALA A 165 11.77 1.74 11.47
CA ALA A 165 11.05 3.00 11.59
C ALA A 165 10.47 3.19 13.00
N GLY A 166 10.75 2.23 13.90
CA GLY A 166 10.31 2.30 15.27
C GLY A 166 8.87 1.87 15.41
N LEU A 167 8.39 1.12 14.43
CA LEU A 167 7.01 0.68 14.40
C LEU A 167 6.89 -0.78 14.75
N ASN A 168 5.83 -1.11 15.47
CA ASN A 168 5.45 -2.48 15.69
C ASN A 168 4.40 -2.84 14.65
N VAL A 169 4.73 -3.78 13.78
CA VAL A 169 3.88 -4.13 12.64
C VAL A 169 2.90 -5.24 13.03
N LEU A 170 1.64 -4.87 13.13
CA LEU A 170 0.59 -5.81 13.54
C LEU A 170 0.36 -6.91 12.51
N CYS A 171 0.50 -6.55 11.24
CA CYS A 171 0.31 -7.48 10.13
C CYS A 171 0.89 -6.87 8.87
N ILE A 172 1.28 -7.74 7.95
CA ILE A 172 1.57 -7.34 6.59
C ILE A 172 0.41 -7.90 5.77
N ILE A 173 -0.35 -7.03 5.13
CA ILE A 173 -1.47 -7.48 4.29
C ILE A 173 -1.34 -7.06 2.81
N ASN A 174 -2.07 -7.72 1.93
CA ASN A 174 -1.98 -7.47 0.49
C ASN A 174 -2.73 -6.21 0.12
N GLU A 175 -2.22 -5.52 -0.89
CA GLU A 175 -2.84 -4.28 -1.35
C GLU A 175 -4.28 -4.41 -1.88
N PRO A 176 -4.54 -5.37 -2.79
CA PRO A 176 -5.89 -5.43 -3.34
C PRO A 176 -6.90 -5.89 -2.28
N THR A 177 -6.43 -6.67 -1.30
CA THR A 177 -7.25 -7.06 -0.14
C THR A 177 -7.64 -5.85 0.73
N ALA A 178 -6.66 -5.02 1.09
CA ALA A 178 -6.91 -3.73 1.76
C ALA A 178 -7.98 -2.83 1.10
N ALA A 179 -7.88 -2.71 -0.22
CA ALA A 179 -8.77 -1.90 -1.02
C ALA A 179 -10.18 -2.47 -0.93
N ALA A 180 -10.28 -3.79 -0.91
CA ALA A 180 -11.54 -4.50 -0.79
C ALA A 180 -12.09 -4.37 0.63
N ILE A 181 -11.19 -4.16 1.60
CA ILE A 181 -11.63 -3.95 2.99
C ILE A 181 -12.16 -2.52 3.16
N ALA A 182 -11.46 -1.57 2.53
CA ALA A 182 -11.92 -0.19 2.41
C ALA A 182 -13.39 -0.08 1.97
N TYR A 183 -13.81 -0.99 1.11
CA TYR A 183 -15.17 -1.01 0.60
C TYR A 183 -16.16 -1.89 1.39
N GLY A 184 -15.67 -2.53 2.46
CA GLY A 184 -16.49 -3.40 3.29
C GLY A 184 -17.05 -4.59 2.52
N LEU A 185 -16.32 -5.01 1.49
CA LEU A 185 -16.79 -6.08 0.60
C LEU A 185 -16.94 -7.43 1.29
N ASP A 186 -16.46 -7.51 2.52
CA ASP A 186 -16.44 -8.75 3.32
C ASP A 186 -17.58 -8.80 4.34
N LYS A 187 -18.33 -7.71 4.41
CA LYS A 187 -19.41 -7.56 5.37
C LYS A 187 -20.78 -7.76 4.69
N LYS A 188 -20.91 -8.83 3.91
CA LYS A 188 -22.11 -9.07 3.11
C LYS A 188 -22.52 -10.54 3.18
N VAL A 189 -23.79 -10.77 3.53
CA VAL A 189 -24.33 -12.12 3.61
C VAL A 189 -24.48 -12.69 2.21
N GLY A 190 -24.21 -14.00 2.07
CA GLY A 190 -24.42 -14.69 0.80
C GLY A 190 -23.25 -15.40 0.16
N ALA A 191 -23.54 -16.06 -0.97
CA ALA A 191 -22.58 -16.82 -1.78
C ALA A 191 -21.27 -16.07 -2.07
N GLU A 192 -20.21 -16.81 -2.37
CA GLU A 192 -18.88 -16.21 -2.56
C GLU A 192 -18.90 -15.18 -3.67
N ARG A 193 -18.19 -14.08 -3.45
CA ARG A 193 -18.13 -12.96 -4.40
C ARG A 193 -16.77 -12.92 -5.09
N ASN A 194 -16.82 -12.77 -6.41
CA ASN A 194 -15.63 -12.51 -7.21
C ASN A 194 -15.43 -11.01 -7.36
N VAL A 195 -14.26 -10.56 -6.90
CA VAL A 195 -13.94 -9.14 -6.88
C VAL A 195 -12.69 -8.92 -7.74
N LEU A 196 -12.75 -7.94 -8.64
CA LEU A 196 -11.59 -7.57 -9.45
C LEU A 196 -11.03 -6.26 -8.96
N ILE A 197 -9.73 -6.26 -8.65
CA ILE A 197 -9.05 -5.05 -8.24
C ILE A 197 -8.19 -4.54 -9.38
N PHE A 198 -8.57 -3.39 -9.93
CA PHE A 198 -7.84 -2.80 -11.03
C PHE A 198 -7.00 -1.66 -10.45
N ASP A 199 -5.70 -1.87 -10.40
CA ASP A 199 -4.82 -0.96 -9.65
C ASP A 199 -3.68 -0.41 -10.52
N LEU A 200 -3.70 0.89 -10.79
CA LEU A 200 -2.74 1.52 -11.72
C LEU A 200 -2.11 2.71 -11.01
N GLY A 201 -0.94 2.47 -10.42
CA GLY A 201 -0.30 3.48 -9.64
C GLY A 201 0.61 4.30 -10.53
N GLY A 202 1.82 4.57 -10.03
CA GLY A 202 2.74 5.47 -10.69
C GLY A 202 3.83 4.74 -11.41
N GLY A 203 4.08 3.49 -11.01
CA GLY A 203 5.12 2.69 -11.64
C GLY A 203 4.69 1.30 -12.06
N THR A 204 3.71 0.75 -11.35
CA THR A 204 3.25 -0.63 -11.55
C THR A 204 1.77 -0.69 -11.86
N PHE A 205 1.36 -1.76 -12.55
CA PHE A 205 -0.06 -2.04 -12.88
C PHE A 205 -0.39 -3.43 -12.36
N ASP A 206 -1.41 -3.52 -11.49
CA ASP A 206 -1.80 -4.78 -10.87
C ASP A 206 -3.29 -5.05 -11.07
N VAL A 207 -3.61 -6.25 -11.55
CA VAL A 207 -4.97 -6.75 -11.60
C VAL A 207 -4.97 -8.00 -10.74
N SER A 208 -5.80 -8.02 -9.70
CA SER A 208 -5.98 -9.22 -8.89
C SER A 208 -7.45 -9.53 -8.85
N ILE A 209 -7.77 -10.83 -8.89
CA ILE A 209 -9.12 -11.32 -8.67
C ILE A 209 -9.15 -12.01 -7.31
N LEU A 210 -10.19 -11.73 -6.53
CA LEU A 210 -10.34 -12.26 -5.18
C LEU A 210 -11.72 -12.85 -4.95
N THR A 211 -11.77 -13.97 -4.24
CA THR A 211 -13.03 -14.53 -3.78
C THR A 211 -13.29 -14.09 -2.34
N ILE A 212 -14.55 -13.76 -2.04
CA ILE A 212 -14.97 -13.41 -0.68
C ILE A 212 -16.22 -14.18 -0.22
N GLU A 213 -16.03 -15.05 0.78
CA GLU A 213 -17.15 -15.74 1.43
C GLU A 213 -16.90 -15.92 2.93
N ASP A 214 -17.88 -15.48 3.71
CA ASP A 214 -17.83 -15.49 5.19
C ASP A 214 -16.73 -14.59 5.76
N GLY A 215 -16.37 -13.56 4.99
CA GLY A 215 -15.33 -12.60 5.38
C GLY A 215 -13.91 -13.05 5.11
N ILE A 216 -13.77 -14.20 4.43
CA ILE A 216 -12.45 -14.78 4.15
C ILE A 216 -12.05 -14.49 2.71
N PHE A 217 -10.80 -14.06 2.56
CA PHE A 217 -10.25 -13.71 1.27
C PHE A 217 -9.28 -14.80 0.78
N GLU A 218 -9.35 -15.11 -0.50
CA GLU A 218 -8.29 -15.85 -1.19
C GLU A 218 -7.98 -15.12 -2.48
N VAL A 219 -6.71 -15.13 -2.89
CA VAL A 219 -6.35 -14.61 -4.20
C VAL A 219 -6.40 -15.72 -5.22
N LYS A 220 -7.32 -15.60 -6.18
CA LYS A 220 -7.47 -16.59 -7.23
C LYS A 220 -6.46 -16.39 -8.38
N SER A 221 -6.19 -15.14 -8.73
CA SER A 221 -5.22 -14.84 -9.81
C SER A 221 -4.71 -13.42 -9.71
N THR A 222 -3.55 -13.17 -10.29
CA THR A 222 -3.00 -11.81 -10.44
C THR A 222 -2.37 -11.61 -11.82
N ALA A 223 -2.35 -10.38 -12.30
CA ALA A 223 -1.71 -10.05 -13.57
C ALA A 223 -1.34 -8.58 -13.59
N GLY A 224 -0.67 -8.15 -14.66
CA GLY A 224 -0.28 -6.77 -14.79
C GLY A 224 1.13 -6.58 -15.30
N ASP A 225 1.73 -5.46 -14.94
CA ASP A 225 3.00 -5.06 -15.49
C ASP A 225 3.75 -4.24 -14.46
N THR A 226 4.90 -4.75 -14.01
CA THR A 226 5.64 -4.09 -12.95
C THR A 226 6.30 -2.78 -13.43
N HIS A 227 6.21 -2.53 -14.74
CA HIS A 227 6.79 -1.34 -15.34
C HIS A 227 5.85 -0.60 -16.22
N LEU A 228 4.63 -0.41 -15.72
CA LEU A 228 3.62 0.38 -16.39
C LEU A 228 2.93 1.20 -15.31
N GLY A 229 2.95 2.51 -15.44
CA GLY A 229 2.11 3.33 -14.53
C GLY A 229 2.12 4.76 -15.02
N GLY A 230 1.50 5.65 -14.25
CA GLY A 230 1.47 7.08 -14.56
C GLY A 230 2.81 7.71 -15.01
N GLU A 231 3.92 7.17 -14.53
CA GLU A 231 5.24 7.67 -15.01
C GLU A 231 5.33 7.55 -16.53
N ASP A 232 4.84 6.45 -17.09
CA ASP A 232 4.97 6.26 -18.52
C ASP A 232 4.15 7.21 -19.39
N PHE A 233 2.97 7.58 -18.89
CA PHE A 233 2.12 8.57 -19.52
C PHE A 233 2.75 9.95 -19.44
N ASP A 234 3.38 10.26 -18.30
CA ASP A 234 4.30 11.43 -18.20
C ASP A 234 5.39 11.44 -19.25
N ASN A 235 6.01 10.29 -19.51
CA ASN A 235 7.03 10.20 -20.55
C ASN A 235 6.49 10.53 -21.93
N ARG A 236 5.29 10.01 -22.21
CA ARG A 236 4.75 10.19 -23.55
C ARG A 236 4.47 11.68 -23.76
N MET A 237 4.24 12.37 -22.64
CA MET A 237 4.09 13.82 -22.63
C MET A 237 5.44 14.59 -22.76
N VAL A 238 6.47 14.17 -22.02
CA VAL A 238 7.80 14.86 -22.07
C VAL A 238 8.18 14.91 -23.52
N ASN A 239 8.45 13.77 -24.15
CA ASN A 239 8.81 13.74 -25.56
C ASN A 239 7.94 14.49 -26.59
N HIS A 240 6.63 14.53 -26.38
CA HIS A 240 5.75 15.44 -27.12
C HIS A 240 6.34 16.88 -27.05
N PHE A 241 6.71 17.33 -25.85
CA PHE A 241 7.13 18.72 -25.65
C PHE A 241 8.63 18.99 -25.98
N ILE A 242 9.48 17.98 -25.79
CA ILE A 242 10.89 18.02 -26.26
C ILE A 242 10.88 18.36 -27.74
N ALA A 243 9.88 17.78 -28.45
CA ALA A 243 9.77 17.89 -29.93
C ALA A 243 9.24 19.25 -30.32
N GLU A 244 8.21 19.69 -29.58
CA GLU A 244 7.67 21.03 -29.74
C GLU A 244 8.74 22.11 -29.48
N PHE A 245 9.43 22.01 -28.34
CA PHE A 245 10.48 22.96 -27.96
C PHE A 245 11.50 23.12 -29.09
N LYS A 246 11.90 21.98 -29.67
CA LYS A 246 12.86 21.94 -30.76
C LYS A 246 12.43 22.69 -32.00
N ARG A 247 11.15 22.51 -32.34
CA ARG A 247 10.55 23.15 -33.52
C ARG A 247 10.41 24.64 -33.35
N LYS A 248 10.01 25.05 -32.15
CA LYS A 248 9.85 26.46 -31.84
C LYS A 248 11.22 27.15 -31.75
N HIS A 249 12.20 26.50 -31.12
CA HIS A 249 13.45 27.18 -30.74
C HIS A 249 14.73 26.71 -31.41
N LYS A 250 14.69 25.56 -32.07
CA LYS A 250 15.86 24.94 -32.73
C LYS A 250 16.96 24.55 -31.73
N LYS A 251 16.50 23.91 -30.64
CA LYS A 251 17.32 23.49 -29.54
C LYS A 251 16.83 22.15 -29.10
N ASP A 252 17.76 21.24 -28.81
CA ASP A 252 17.37 19.96 -28.26
C ASP A 252 17.56 19.87 -26.74
N ILE A 253 16.46 19.79 -25.99
CA ILE A 253 16.63 19.82 -24.54
C ILE A 253 16.89 18.40 -24.10
N SER A 254 16.93 17.51 -25.10
CA SER A 254 17.10 16.07 -24.84
C SER A 254 18.47 15.68 -24.27
N GLU A 255 19.55 16.33 -24.69
CA GLU A 255 20.81 16.00 -23.99
C GLU A 255 20.66 16.33 -22.50
N ASN A 256 19.77 17.33 -22.19
CA ASN A 256 19.72 17.97 -20.85
C ASN A 256 18.94 17.26 -19.77
N LYS A 257 19.67 16.69 -18.82
CA LYS A 257 19.10 15.89 -17.76
C LYS A 257 18.17 16.71 -16.83
N ARG A 258 18.61 17.90 -16.40
CA ARG A 258 17.77 18.78 -15.57
C ARG A 258 16.59 19.40 -16.33
N ALA A 259 16.82 19.80 -17.59
CA ALA A 259 15.71 20.29 -18.40
C ALA A 259 14.61 19.24 -18.60
N VAL A 260 15.01 17.99 -18.81
CA VAL A 260 14.05 16.94 -19.04
C VAL A 260 13.33 16.59 -17.75
N ARG A 261 14.07 16.58 -16.63
CA ARG A 261 13.45 16.35 -15.34
C ARG A 261 12.45 17.47 -14.99
N ARG A 262 12.86 18.73 -15.18
CA ARG A 262 11.94 19.85 -14.94
C ARG A 262 10.63 19.78 -15.77
N LEU A 263 10.73 19.37 -17.04
CA LEU A 263 9.57 19.19 -17.92
C LEU A 263 8.66 18.02 -17.51
N ARG A 264 9.28 16.95 -17.00
CA ARG A 264 8.54 15.83 -16.46
C ARG A 264 7.59 16.22 -15.31
N THR A 265 8.10 17.07 -14.39
CA THR A 265 7.27 17.61 -13.31
C THR A 265 6.12 18.46 -13.83
N ALA A 266 6.44 19.42 -14.69
CA ALA A 266 5.42 20.20 -15.41
C ALA A 266 4.32 19.29 -15.96
N CYS A 267 4.76 18.21 -16.61
CA CYS A 267 3.92 17.22 -17.26
C CYS A 267 3.06 16.37 -16.34
N GLU A 268 3.58 15.98 -15.18
CA GLU A 268 2.81 15.19 -14.25
C GLU A 268 1.68 16.04 -13.71
N ARG A 269 2.01 17.30 -13.46
CA ARG A 269 1.10 18.29 -12.90
C ARG A 269 -0.10 18.55 -13.84
N ALA A 270 0.17 18.68 -15.14
CA ALA A 270 -0.84 18.94 -16.15
C ALA A 270 -1.74 17.73 -16.36
N LYS A 271 -1.15 16.54 -16.39
CA LYS A 271 -1.89 15.27 -16.46
C LYS A 271 -2.98 15.10 -15.39
N ARG A 272 -2.70 15.55 -14.17
CA ARG A 272 -3.68 15.49 -13.09
C ARG A 272 -4.81 16.46 -13.39
N THR A 273 -4.46 17.68 -13.76
CA THR A 273 -5.42 18.68 -14.19
C THR A 273 -6.32 18.07 -15.29
N LEU A 274 -5.74 17.30 -16.21
CA LEU A 274 -6.51 16.67 -17.29
C LEU A 274 -7.54 15.59 -16.85
N SER A 275 -7.43 15.10 -15.63
CA SER A 275 -8.45 14.15 -15.12
C SER A 275 -9.83 14.77 -14.84
N SER A 276 -9.87 16.07 -14.60
CA SER A 276 -11.16 16.71 -14.35
C SER A 276 -11.39 17.97 -15.19
N SER A 277 -10.34 18.43 -15.89
CA SER A 277 -10.48 19.48 -16.91
C SER A 277 -10.05 18.96 -18.28
N THR A 278 -10.42 19.66 -19.36
CA THR A 278 -10.17 19.17 -20.73
C THR A 278 -8.95 19.81 -21.44
N GLN A 279 -8.25 20.70 -20.73
CA GLN A 279 -6.96 21.24 -21.17
C GLN A 279 -6.16 21.68 -19.96
N ALA A 280 -4.84 21.65 -20.10
CA ALA A 280 -3.96 22.12 -19.05
C ALA A 280 -2.86 23.01 -19.60
N SER A 281 -2.38 23.93 -18.76
CA SER A 281 -1.29 24.83 -19.10
C SER A 281 0.04 24.36 -18.54
N ILE A 282 1.09 24.47 -19.37
CA ILE A 282 2.47 24.21 -18.96
C ILE A 282 3.22 25.53 -18.95
N GLU A 283 3.95 25.76 -17.87
CA GLU A 283 4.56 27.05 -17.59
C GLU A 283 5.92 26.85 -16.89
N ILE A 284 7.00 26.83 -17.68
CA ILE A 284 8.38 26.70 -17.14
C ILE A 284 9.28 27.91 -17.43
N ASP A 285 9.79 28.53 -16.36
CA ASP A 285 10.73 29.64 -16.48
C ASP A 285 12.12 29.08 -16.78
N SER A 286 12.74 29.60 -17.84
CA SER A 286 14.13 29.32 -18.19
C SER A 286 14.40 27.81 -18.23
N LEU A 287 13.64 27.11 -19.08
CA LEU A 287 13.74 25.65 -19.20
C LEU A 287 15.11 25.23 -19.74
N TYR A 288 15.56 25.91 -20.79
CA TYR A 288 16.79 25.52 -21.41
C TYR A 288 17.51 26.72 -22.01
N GLU A 289 18.71 26.97 -21.51
CA GLU A 289 19.51 28.09 -22.00
C GLU A 289 18.65 29.34 -22.10
N GLY A 290 17.99 29.65 -20.98
CA GLY A 290 17.32 30.95 -20.78
C GLY A 290 15.96 31.14 -21.41
N ILE A 291 15.38 30.04 -21.90
CA ILE A 291 14.14 30.10 -22.65
C ILE A 291 12.92 29.65 -21.83
N ASP A 292 11.94 30.54 -21.75
CA ASP A 292 10.69 30.27 -21.07
C ASP A 292 9.83 29.32 -21.92
N PHE A 293 9.38 28.22 -21.34
CA PHE A 293 8.51 27.30 -22.07
C PHE A 293 7.08 27.27 -21.57
N TYR A 294 6.21 27.97 -22.30
CA TYR A 294 4.80 28.01 -22.00
C TYR A 294 4.03 27.40 -23.14
N THR A 295 3.07 26.54 -22.79
CA THR A 295 2.30 25.82 -23.78
C THR A 295 1.02 25.21 -23.18
N SER A 296 0.32 24.45 -24.01
CA SER A 296 -1.02 23.96 -23.72
C SER A 296 -1.07 22.48 -24.11
N ILE A 297 -1.89 21.70 -23.42
CA ILE A 297 -2.30 20.36 -23.92
C ILE A 297 -3.74 20.05 -23.56
N THR A 298 -4.45 19.43 -24.49
CA THR A 298 -5.82 18.97 -24.28
C THR A 298 -5.84 17.53 -23.79
N ARG A 299 -6.98 17.13 -23.23
CA ARG A 299 -7.19 15.76 -22.77
C ARG A 299 -7.18 14.80 -23.94
N ALA A 300 -7.95 15.12 -24.97
CA ALA A 300 -7.95 14.38 -26.25
C ALA A 300 -6.50 14.06 -26.69
N ARG A 301 -5.62 15.05 -26.69
CA ARG A 301 -4.20 14.86 -27.07
C ARG A 301 -3.43 14.00 -26.10
N PHE A 302 -3.58 14.28 -24.80
CA PHE A 302 -2.94 13.47 -23.77
C PHE A 302 -3.31 12.00 -23.97
N GLU A 303 -4.60 11.77 -24.22
CA GLU A 303 -5.14 10.43 -24.40
C GLU A 303 -4.60 9.81 -25.63
N GLU A 304 -4.51 10.59 -26.70
CA GLU A 304 -3.93 10.13 -27.96
C GLU A 304 -2.48 9.70 -27.85
N LEU A 305 -1.73 10.38 -26.97
CA LEU A 305 -0.30 10.06 -26.84
C LEU A 305 -0.15 8.78 -26.03
N ASN A 306 -1.25 8.34 -25.41
CA ASN A 306 -1.18 7.22 -24.47
C ASN A 306 -2.12 6.11 -24.85
N ALA A 307 -2.77 6.29 -26.00
CA ALA A 307 -3.90 5.47 -26.46
C ALA A 307 -3.57 3.99 -26.34
N ASP A 308 -2.30 3.66 -26.59
CA ASP A 308 -1.89 2.26 -26.64
C ASP A 308 -1.63 1.66 -25.28
N LEU A 309 -1.31 2.49 -24.30
CA LEU A 309 -0.94 2.01 -22.97
C LEU A 309 -2.25 1.92 -22.14
N PHE A 310 -3.18 2.80 -22.46
CA PHE A 310 -4.49 2.88 -21.80
C PHE A 310 -5.23 1.57 -22.13
N ARG A 311 -5.68 1.47 -23.36
CA ARG A 311 -6.19 0.26 -24.00
C ARG A 311 -5.48 -1.07 -23.67
N GLY A 312 -4.14 -1.06 -23.61
CA GLY A 312 -3.36 -2.24 -23.26
C GLY A 312 -3.46 -2.71 -21.81
N THR A 313 -4.03 -1.90 -20.93
CA THR A 313 -4.33 -2.35 -19.56
C THR A 313 -5.49 -3.39 -19.50
N LEU A 314 -6.09 -3.69 -20.65
CA LEU A 314 -7.21 -4.63 -20.71
C LEU A 314 -6.72 -6.07 -20.92
N ASP A 315 -5.52 -6.21 -21.50
CA ASP A 315 -4.89 -7.51 -21.65
C ASP A 315 -4.67 -8.20 -20.29
N PRO A 316 -4.01 -7.53 -19.34
CA PRO A 316 -3.86 -8.18 -18.04
C PRO A 316 -5.16 -8.53 -17.33
N VAL A 317 -6.21 -7.72 -17.51
CA VAL A 317 -7.57 -8.04 -17.06
C VAL A 317 -8.05 -9.38 -17.65
N GLU A 318 -8.00 -9.51 -18.98
CA GLU A 318 -8.45 -10.73 -19.65
C GLU A 318 -7.65 -11.91 -19.15
N LYS A 319 -6.35 -11.69 -19.04
CA LYS A 319 -5.42 -12.69 -18.59
C LYS A 319 -5.71 -13.14 -17.17
N ALA A 320 -6.11 -12.20 -16.31
CA ALA A 320 -6.39 -12.52 -14.92
C ALA A 320 -7.62 -13.41 -14.84
N LEU A 321 -8.66 -13.04 -15.61
CA LEU A 321 -9.89 -13.81 -15.70
C LEU A 321 -9.69 -15.23 -16.19
N ARG A 322 -8.87 -15.42 -17.22
CA ARG A 322 -8.64 -16.77 -17.74
C ARG A 322 -7.74 -17.64 -16.83
N ASP A 323 -6.95 -17.00 -15.96
CA ASP A 323 -6.22 -17.73 -14.94
C ASP A 323 -7.13 -18.05 -13.76
N ALA A 324 -8.03 -17.12 -13.46
CA ALA A 324 -9.03 -17.31 -12.42
C ALA A 324 -10.14 -18.26 -12.88
N LYS A 325 -10.10 -18.60 -14.18
CA LYS A 325 -11.11 -19.42 -14.86
C LYS A 325 -12.51 -18.83 -14.75
N LEU A 326 -12.61 -17.53 -15.07
CA LEU A 326 -13.85 -16.79 -14.99
C LEU A 326 -14.11 -15.99 -16.26
N ASP A 327 -15.37 -15.98 -16.68
CA ASP A 327 -15.87 -15.04 -17.68
C ASP A 327 -16.11 -13.70 -16.97
N LYS A 328 -16.02 -12.59 -17.70
CA LYS A 328 -16.12 -11.25 -17.10
C LYS A 328 -17.45 -10.95 -16.36
N SER A 329 -18.54 -11.60 -16.77
CA SER A 329 -19.85 -11.44 -16.14
C SER A 329 -19.97 -12.08 -14.76
N GLN A 330 -18.98 -12.90 -14.40
CA GLN A 330 -18.91 -13.57 -13.11
C GLN A 330 -18.15 -12.76 -12.08
N ILE A 331 -17.76 -11.54 -12.46
CA ILE A 331 -17.18 -10.58 -11.52
C ILE A 331 -18.26 -9.70 -10.94
N HIS A 332 -18.36 -9.73 -9.61
CA HIS A 332 -19.44 -9.07 -8.84
C HIS A 332 -19.10 -7.64 -8.40
N ASP A 333 -17.83 -7.39 -8.12
CA ASP A 333 -17.35 -6.05 -7.80
C ASP A 333 -16.03 -5.75 -8.49
N ILE A 334 -15.92 -4.53 -9.02
CA ILE A 334 -14.67 -4.07 -9.63
C ILE A 334 -14.23 -2.88 -8.82
N VAL A 335 -12.94 -2.82 -8.47
CA VAL A 335 -12.45 -1.79 -7.56
C VAL A 335 -11.28 -0.98 -8.16
N LEU A 336 -11.44 0.34 -8.15
CA LEU A 336 -10.51 1.24 -8.78
C LEU A 336 -9.50 1.73 -7.74
N VAL A 337 -8.23 1.40 -7.99
CA VAL A 337 -7.14 1.67 -7.03
C VAL A 337 -5.96 2.24 -7.83
N GLY A 338 -5.16 3.11 -7.19
CA GLY A 338 -4.02 3.70 -7.80
C GLY A 338 -4.41 5.02 -8.41
N GLY A 339 -3.53 6.03 -8.25
CA GLY A 339 -3.82 7.40 -8.68
C GLY A 339 -4.03 7.58 -10.18
N SER A 340 -3.48 6.70 -11.02
CA SER A 340 -3.73 6.82 -12.46
C SER A 340 -5.21 6.45 -12.83
N THR A 341 -5.88 5.66 -11.99
CA THR A 341 -7.32 5.25 -12.31
C THR A 341 -8.29 6.41 -12.26
N ARG A 342 -7.73 7.57 -11.98
CA ARG A 342 -8.44 8.83 -12.03
C ARG A 342 -8.57 9.37 -13.46
N ILE A 343 -7.89 8.75 -14.44
CA ILE A 343 -7.76 9.34 -15.78
C ILE A 343 -9.10 8.94 -16.42
N PRO A 344 -9.95 9.91 -16.76
CA PRO A 344 -11.24 9.54 -17.35
C PRO A 344 -11.21 8.40 -18.40
N LYS A 345 -10.30 8.43 -19.38
CA LYS A 345 -10.25 7.37 -20.43
C LYS A 345 -10.03 5.96 -19.87
N ILE A 346 -9.00 5.73 -19.05
CA ILE A 346 -8.94 4.52 -18.21
C ILE A 346 -10.40 4.13 -17.60
N GLN A 347 -11.06 5.06 -16.97
CA GLN A 347 -12.47 4.75 -16.39
C GLN A 347 -13.27 4.17 -17.50
N LYS A 348 -13.58 4.92 -18.55
CA LYS A 348 -14.39 4.40 -19.69
C LYS A 348 -13.99 3.00 -20.22
N LEU A 349 -12.70 2.77 -20.45
CA LEU A 349 -12.21 1.54 -21.06
C LEU A 349 -12.42 0.33 -20.21
N LEU A 350 -12.47 0.49 -18.90
CA LEU A 350 -12.67 -0.65 -18.02
C LEU A 350 -14.18 -0.92 -17.92
N GLN A 351 -14.95 0.15 -17.81
CA GLN A 351 -16.42 0.01 -17.79
C GLN A 351 -17.04 -0.58 -19.06
N ASP A 352 -16.76 0.02 -20.22
CA ASP A 352 -17.06 -0.60 -21.51
C ASP A 352 -16.68 -2.07 -21.54
N PHE A 353 -15.48 -2.40 -21.08
CA PHE A 353 -15.07 -3.79 -21.07
C PHE A 353 -16.02 -4.65 -20.25
N PHE A 354 -16.50 -4.11 -19.13
CA PHE A 354 -17.44 -4.84 -18.30
C PHE A 354 -18.90 -4.50 -18.62
N ASN A 355 -19.14 -4.04 -19.84
CA ASN A 355 -20.50 -3.84 -20.40
C ASN A 355 -21.41 -2.95 -19.56
N GLY A 356 -20.82 -1.82 -19.17
CA GLY A 356 -21.48 -0.73 -18.49
C GLY A 356 -21.60 -0.93 -17.00
N LYS A 357 -21.09 -2.06 -16.50
CA LYS A 357 -21.18 -2.35 -15.07
C LYS A 357 -20.51 -1.25 -14.27
N GLU A 358 -21.16 -0.86 -13.17
CA GLU A 358 -20.65 0.21 -12.32
C GLU A 358 -19.43 -0.19 -11.49
N LEU A 359 -18.53 0.79 -11.35
CA LEU A 359 -17.18 0.64 -10.80
C LEU A 359 -17.11 1.26 -9.40
N ASN A 360 -16.56 0.52 -8.43
CA ASN A 360 -16.26 1.05 -7.09
C ASN A 360 -15.11 2.04 -7.11
N LYS A 361 -15.44 3.33 -6.98
CA LYS A 361 -14.43 4.40 -7.06
C LYS A 361 -14.71 5.61 -6.15
N SER A 362 -15.80 5.54 -5.39
CA SER A 362 -16.21 6.63 -4.48
C SER A 362 -15.13 7.05 -3.46
N ILE A 363 -14.07 6.25 -3.34
CA ILE A 363 -12.97 6.49 -2.40
C ILE A 363 -11.69 6.79 -3.20
N ASN A 364 -11.07 7.94 -2.95
CA ASN A 364 -9.87 8.34 -3.72
C ASN A 364 -9.00 7.12 -3.94
N PRO A 365 -8.81 6.73 -5.20
CA PRO A 365 -8.22 5.45 -5.54
C PRO A 365 -6.78 5.33 -5.03
N ASP A 366 -6.07 6.45 -4.95
CA ASP A 366 -4.70 6.46 -4.43
C ASP A 366 -4.66 6.41 -2.91
N GLU A 367 -5.85 6.45 -2.28
CA GLU A 367 -5.94 6.40 -0.82
C GLU A 367 -6.61 5.12 -0.34
N ALA A 368 -7.15 4.35 -1.29
CA ALA A 368 -7.94 3.16 -0.94
C ALA A 368 -7.18 2.09 -0.16
N VAL A 369 -5.92 1.84 -0.55
CA VAL A 369 -5.11 0.82 0.14
C VAL A 369 -4.88 1.21 1.60
N ALA A 370 -4.48 2.47 1.86
CA ALA A 370 -4.23 3.01 3.20
C ALA A 370 -5.50 3.00 4.05
N TYR A 371 -6.62 3.35 3.40
CA TYR A 371 -7.95 3.26 4.00
C TYR A 371 -8.12 1.88 4.61
N GLY A 372 -7.97 0.84 3.80
CA GLY A 372 -8.22 -0.52 4.23
C GLY A 372 -7.29 -1.01 5.31
N ALA A 373 -6.01 -0.64 5.18
CA ALA A 373 -4.99 -0.94 6.20
C ALA A 373 -5.33 -0.30 7.55
N ALA A 374 -5.93 0.90 7.50
CA ALA A 374 -6.40 1.61 8.69
C ALA A 374 -7.54 0.85 9.37
N VAL A 375 -8.49 0.40 8.56
CA VAL A 375 -9.58 -0.44 9.05
C VAL A 375 -9.00 -1.68 9.72
N GLN A 376 -8.06 -2.35 9.04
CA GLN A 376 -7.49 -3.58 9.58
C GLN A 376 -6.65 -3.35 10.83
N ALA A 377 -5.97 -2.20 10.90
CA ALA A 377 -5.15 -1.89 12.07
C ALA A 377 -6.01 -1.70 13.33
N ALA A 378 -7.18 -1.10 13.16
CA ALA A 378 -8.13 -0.92 14.26
C ALA A 378 -8.64 -2.27 14.73
N ILE A 379 -9.03 -3.12 13.77
CA ILE A 379 -9.52 -4.46 14.07
C ILE A 379 -8.47 -5.29 14.80
N LEU A 380 -7.21 -5.23 14.34
CA LEU A 380 -6.14 -6.02 14.95
C LEU A 380 -5.71 -5.46 16.29
N SER A 381 -6.29 -4.34 16.68
CA SER A 381 -6.11 -3.78 18.01
C SER A 381 -7.29 -4.12 18.93
N GLY A 382 -8.49 -3.83 18.46
CA GLY A 382 -9.69 -3.83 19.31
C GLY A 382 -10.30 -2.43 19.38
N ASP A 383 -10.00 -1.61 18.36
CA ASP A 383 -10.61 -0.29 18.16
C ASP A 383 -11.89 -0.42 17.34
N LYS A 384 -12.24 -1.64 16.96
CA LYS A 384 -13.48 -1.93 16.23
C LYS A 384 -14.07 -3.26 16.65
N SER A 385 -15.19 -3.20 17.35
CA SER A 385 -15.89 -4.38 17.86
C SER A 385 -17.19 -4.65 17.08
N GLU A 386 -18.03 -5.54 17.61
CA GLU A 386 -19.32 -5.92 16.98
C GLU A 386 -19.28 -6.06 15.46
N ASP B 1 -22.45 -24.98 11.99
CA ASP B 1 -21.47 -26.11 12.08
C ASP B 1 -20.98 -26.38 13.54
N PRO B 2 -20.42 -27.58 13.81
CA PRO B 2 -19.97 -27.98 15.17
C PRO B 2 -18.83 -27.14 15.78
N GLU B 3 -17.95 -26.61 14.93
CA GLU B 3 -16.82 -25.80 15.39
C GLU B 3 -17.22 -24.39 15.83
N LYS B 4 -18.20 -23.81 15.12
CA LYS B 4 -18.67 -22.46 15.42
C LYS B 4 -19.63 -22.45 16.61
N LEU B 5 -20.44 -23.49 16.72
CA LEU B 5 -21.38 -23.66 17.83
C LEU B 5 -20.62 -23.76 19.16
N LYS B 6 -19.49 -24.46 19.12
CA LYS B 6 -18.56 -24.66 20.24
C LYS B 6 -18.14 -23.32 20.86
N ILE B 7 -17.58 -22.45 20.02
CA ILE B 7 -17.07 -21.14 20.42
C ILE B 7 -18.20 -20.22 20.87
N LEU B 8 -19.33 -20.26 20.16
CA LEU B 8 -20.48 -19.44 20.50
C LEU B 8 -21.16 -19.85 21.82
N GLU B 9 -21.01 -21.12 22.19
CA GLU B 9 -21.49 -21.61 23.48
C GLU B 9 -20.53 -21.21 24.58
N TRP B 10 -19.24 -21.31 24.27
CA TRP B 10 -18.13 -20.91 25.14
C TRP B 10 -18.24 -19.44 25.58
N ILE B 11 -18.38 -18.54 24.62
CA ILE B 11 -18.61 -17.12 24.86
C ILE B 11 -19.82 -16.86 25.76
N GLU B 12 -20.90 -17.59 25.49
CA GLU B 12 -22.20 -17.40 26.15
C GLU B 12 -22.16 -17.67 27.66
N GLY B 13 -21.62 -18.82 28.04
CA GLY B 13 -21.59 -19.25 29.43
C GLY B 13 -20.59 -18.49 30.29
N LYS B 14 -19.50 -18.01 29.67
CA LYS B 14 -18.38 -17.40 30.38
C LYS B 14 -18.54 -15.90 30.66
N GLU B 15 -19.58 -15.29 30.10
CA GLU B 15 -20.07 -13.94 30.52
C GLU B 15 -19.06 -12.77 30.42
N ARG B 16 -18.19 -12.85 29.41
CA ARG B 16 -17.07 -11.90 29.18
C ARG B 16 -16.15 -11.78 30.40
N ASN B 17 -15.96 -12.91 31.07
CA ASN B 17 -15.08 -13.01 32.21
C ASN B 17 -13.74 -13.54 31.73
N ILE B 18 -12.76 -12.64 31.58
CA ILE B 18 -11.46 -12.98 31.02
C ILE B 18 -10.84 -14.25 31.61
N ARG B 19 -10.78 -14.37 32.94
CA ARG B 19 -10.23 -15.55 33.60
C ARG B 19 -10.92 -16.83 33.17
N ALA B 20 -12.25 -16.79 33.13
CA ALA B 20 -13.05 -17.95 32.75
C ALA B 20 -12.80 -18.34 31.30
N LEU B 21 -12.57 -17.34 30.46
CA LEU B 21 -12.31 -17.55 29.03
C LEU B 21 -10.93 -18.13 28.80
N LEU B 22 -9.93 -17.57 29.49
CA LEU B 22 -8.54 -18.05 29.40
C LEU B 22 -8.39 -19.46 29.93
N SER B 23 -8.96 -19.72 31.11
CA SER B 23 -8.83 -21.04 31.75
C SER B 23 -9.61 -22.14 31.04
N THR B 24 -10.28 -21.81 29.93
CA THR B 24 -11.05 -22.77 29.14
C THR B 24 -10.86 -22.65 27.63
N MET B 25 -9.95 -21.77 27.19
CA MET B 25 -9.72 -21.56 25.75
C MET B 25 -9.23 -22.81 25.04
N HIS B 26 -8.51 -23.65 25.76
CA HIS B 26 -8.01 -24.91 25.22
C HIS B 26 -9.13 -25.87 24.78
N THR B 27 -10.35 -25.66 25.27
CA THR B 27 -11.48 -26.51 24.88
C THR B 27 -12.13 -26.10 23.56
N VAL B 28 -11.77 -24.93 23.03
CA VAL B 28 -12.36 -24.44 21.79
C VAL B 28 -11.36 -24.31 20.65
N LEU B 29 -10.08 -24.44 20.98
CA LEU B 29 -9.02 -24.35 19.98
C LEU B 29 -9.18 -25.44 18.94
N TRP B 30 -8.74 -25.14 17.71
CA TRP B 30 -8.78 -26.07 16.59
C TRP B 30 -7.87 -27.27 16.88
N ALA B 31 -8.33 -28.45 16.46
CA ALA B 31 -7.49 -29.64 16.50
C ALA B 31 -6.28 -29.42 15.59
N GLY B 32 -5.09 -29.62 16.15
CA GLY B 32 -3.83 -29.29 15.48
C GLY B 32 -2.98 -28.36 16.32
N GLU B 33 -3.64 -27.48 17.08
CA GLU B 33 -3.00 -26.49 17.94
C GLU B 33 -2.12 -27.13 19.02
N THR B 34 -0.84 -26.75 19.05
CA THR B 34 0.12 -27.27 20.03
C THR B 34 0.77 -26.18 20.88
N LYS B 35 0.65 -24.93 20.45
CA LYS B 35 1.37 -23.80 21.05
C LYS B 35 0.77 -23.32 22.38
N TRP B 36 -0.25 -24.02 22.87
CA TRP B 36 -1.04 -23.57 24.04
C TRP B 36 -1.18 -24.62 25.12
N LYS B 37 -0.61 -24.34 26.29
CA LYS B 37 -0.81 -25.18 27.45
C LYS B 37 -2.02 -24.70 28.25
N PRO B 38 -2.91 -25.64 28.63
CA PRO B 38 -4.06 -25.31 29.47
C PRO B 38 -3.62 -24.65 30.77
N VAL B 39 -4.35 -23.61 31.16
CA VAL B 39 -3.99 -22.76 32.29
C VAL B 39 -5.09 -22.80 33.35
N GLY B 40 -4.70 -23.08 34.59
CA GLY B 40 -5.65 -23.11 35.69
C GLY B 40 -5.86 -21.73 36.28
N MET B 41 -6.86 -21.62 37.16
CA MET B 41 -7.11 -20.39 37.91
C MET B 41 -5.93 -20.00 38.82
N ALA B 42 -5.23 -21.00 39.34
CA ALA B 42 -3.98 -20.78 40.10
C ALA B 42 -3.02 -19.80 39.40
N ASP B 43 -3.04 -19.79 38.07
CA ASP B 43 -2.17 -18.90 37.29
C ASP B 43 -2.92 -17.69 36.70
N LEU B 44 -4.07 -17.36 37.29
CA LEU B 44 -4.91 -16.22 36.84
C LEU B 44 -5.46 -15.37 38.00
N VAL B 45 -4.74 -15.32 39.11
CA VAL B 45 -5.19 -14.58 40.28
C VAL B 45 -4.95 -13.08 40.10
N THR B 46 -3.68 -12.68 40.01
CA THR B 46 -3.30 -11.26 39.96
C THR B 46 -3.48 -10.69 38.56
N PRO B 47 -3.69 -9.35 38.45
CA PRO B 47 -3.75 -8.70 37.14
C PRO B 47 -2.47 -8.85 36.31
N GLU B 48 -1.34 -9.08 36.95
CA GLU B 48 -0.09 -9.44 36.26
C GLU B 48 -0.31 -10.74 35.50
N GLN B 49 -0.85 -11.74 36.21
CA GLN B 49 -1.10 -13.06 35.67
C GLN B 49 -2.14 -13.07 34.55
N VAL B 50 -3.25 -12.37 34.74
CA VAL B 50 -4.25 -12.20 33.68
C VAL B 50 -3.61 -11.60 32.44
N LYS B 51 -2.94 -10.45 32.62
CA LYS B 51 -2.25 -9.75 31.53
C LYS B 51 -1.30 -10.67 30.79
N LYS B 52 -0.32 -11.22 31.50
CA LYS B 52 0.71 -12.12 30.93
C LYS B 52 0.13 -13.29 30.13
N VAL B 53 -0.95 -13.88 30.64
CA VAL B 53 -1.62 -15.00 29.97
C VAL B 53 -2.48 -14.50 28.80
N TYR B 54 -3.12 -13.35 28.95
CA TYR B 54 -3.90 -12.74 27.86
C TYR B 54 -3.02 -12.46 26.65
N ARG B 55 -1.85 -11.88 26.89
CA ARG B 55 -0.92 -11.55 25.82
C ARG B 55 -0.32 -12.81 25.19
N LYS B 56 -0.39 -13.92 25.91
CA LYS B 56 -0.02 -15.22 25.36
C LYS B 56 -1.18 -15.84 24.57
N ALA B 57 -2.42 -15.54 24.95
CA ALA B 57 -3.58 -16.06 24.25
C ALA B 57 -3.77 -15.42 22.88
N VAL B 58 -3.70 -14.09 22.82
CA VAL B 58 -3.96 -13.36 21.58
C VAL B 58 -2.95 -13.68 20.47
N LEU B 59 -1.75 -14.09 20.85
CA LEU B 59 -0.73 -14.51 19.89
C LEU B 59 -1.11 -15.82 19.19
N VAL B 60 -1.63 -16.77 19.95
CA VAL B 60 -2.15 -18.05 19.43
C VAL B 60 -3.26 -17.84 18.41
N VAL B 61 -4.22 -16.97 18.75
CA VAL B 61 -5.42 -16.77 17.94
C VAL B 61 -5.41 -15.54 17.04
N HIS B 62 -4.26 -14.88 16.91
CA HIS B 62 -4.17 -13.67 16.10
C HIS B 62 -4.64 -13.94 14.67
N PRO B 63 -5.55 -13.08 14.14
CA PRO B 63 -6.13 -13.16 12.79
C PRO B 63 -5.14 -13.01 11.65
N CYS B 64 -3.93 -12.54 11.96
CA CYS B 64 -2.90 -12.36 10.96
C CYS B 64 -2.20 -13.69 10.69
N LYS B 65 -1.81 -14.37 11.77
CA LYS B 65 -1.21 -15.70 11.70
C LYS B 65 -2.22 -16.71 11.14
N ALA B 66 -3.48 -16.52 11.53
CA ALA B 66 -4.56 -17.40 11.12
C ALA B 66 -5.03 -17.23 9.67
N THR B 67 -4.51 -16.20 8.98
CA THR B 67 -4.92 -15.90 7.61
C THR B 67 -4.61 -17.08 6.69
N GLY B 68 -5.65 -17.53 5.99
CA GLY B 68 -5.52 -18.62 5.03
C GLY B 68 -5.75 -20.00 5.62
N GLN B 69 -5.70 -20.09 6.95
CA GLN B 69 -5.80 -21.36 7.65
C GLN B 69 -7.25 -21.86 7.71
N PRO B 70 -7.45 -23.19 7.77
CA PRO B 70 -8.80 -23.77 7.78
C PRO B 70 -9.62 -23.33 8.99
N TYR B 71 -8.95 -22.85 10.03
CA TYR B 71 -9.59 -22.44 11.27
C TYR B 71 -9.74 -20.92 11.39
N GLU B 72 -9.32 -20.19 10.35
CA GLU B 72 -9.28 -18.71 10.36
C GLU B 72 -10.51 -18.09 11.01
N GLN B 73 -11.68 -18.61 10.67
CA GLN B 73 -12.96 -18.05 11.12
C GLN B 73 -13.16 -18.15 12.63
N TYR B 74 -12.48 -19.11 13.25
CA TYR B 74 -12.62 -19.41 14.67
C TYR B 74 -11.59 -18.64 15.49
N ALA B 75 -10.39 -18.49 14.94
CA ALA B 75 -9.35 -17.64 15.50
C ALA B 75 -9.85 -16.19 15.66
N LYS B 76 -10.48 -15.69 14.62
CA LYS B 76 -11.12 -14.38 14.63
C LYS B 76 -12.14 -14.27 15.78
N MET B 77 -13.05 -15.25 15.87
CA MET B 77 -14.11 -15.25 16.87
C MET B 77 -13.60 -15.21 18.31
N ILE B 78 -12.55 -15.96 18.58
CA ILE B 78 -11.96 -16.06 19.91
C ILE B 78 -11.18 -14.79 20.24
N PHE B 79 -10.34 -14.36 19.31
CA PHE B 79 -9.65 -13.07 19.36
C PHE B 79 -10.59 -11.96 19.82
N MET B 80 -11.68 -11.76 19.10
CA MET B 80 -12.62 -10.65 19.34
C MET B 80 -13.25 -10.70 20.72
N GLU B 81 -13.65 -11.90 21.14
CA GLU B 81 -14.28 -12.09 22.45
C GLU B 81 -13.29 -11.87 23.59
N LEU B 82 -12.03 -12.24 23.36
CA LEU B 82 -10.96 -12.01 24.33
C LEU B 82 -10.61 -10.52 24.45
N ASN B 83 -10.54 -9.82 23.33
CA ASN B 83 -10.31 -8.38 23.33
C ASN B 83 -11.34 -7.63 24.15
N ASP B 84 -12.60 -8.03 24.00
CA ASP B 84 -13.73 -7.44 24.72
C ASP B 84 -13.67 -7.80 26.20
N ALA B 85 -13.34 -9.06 26.48
CA ALA B 85 -13.11 -9.54 27.84
C ALA B 85 -12.05 -8.70 28.53
N TRP B 86 -10.91 -8.53 27.86
CA TRP B 86 -9.81 -7.79 28.43
C TRP B 86 -10.13 -6.32 28.67
N SER B 87 -10.90 -5.70 27.77
CA SER B 87 -11.21 -4.28 27.90
C SER B 87 -12.20 -4.06 29.04
N GLU B 88 -13.09 -5.03 29.23
CA GLU B 88 -13.95 -5.07 30.40
C GLU B 88 -13.13 -5.23 31.67
N PHE B 89 -12.07 -6.03 31.60
CA PHE B 89 -11.17 -6.24 32.74
C PHE B 89 -10.38 -4.97 33.09
N GLU B 90 -9.97 -4.22 32.06
CA GLU B 90 -9.25 -2.96 32.24
C GLU B 90 -10.12 -1.89 32.87
N ASN B 91 -11.39 -1.86 32.46
CA ASN B 91 -12.34 -0.85 32.95
C ASN B 91 -12.74 -1.04 34.42
N GLN B 92 -12.78 -2.31 34.87
CA GLN B 92 -13.09 -2.66 36.26
C GLN B 92 -12.32 -1.82 37.27
P PO4 C . 2.38 -0.35 -5.75
O1 PO4 C . 1.04 0.42 -5.72
O2 PO4 C . 3.11 -0.15 -7.04
O3 PO4 C . 3.28 0.23 -4.68
O4 PO4 C . 2.20 -1.82 -5.49
PB ADP D . 1.68 3.87 -5.92
O1B ADP D . 3.06 4.38 -5.60
O2B ADP D . 1.59 3.21 -7.27
O3B ADP D . 0.97 3.10 -4.84
PA ADP D . -0.48 5.87 -6.39
O1A ADP D . -1.48 4.74 -6.45
O2A ADP D . -0.56 7.02 -5.44
O3A ADP D . 1.01 5.30 -6.24
O5' ADP D . -0.47 6.57 -7.82
C5' ADP D . 0.61 7.43 -8.21
C4' ADP D . 0.28 7.78 -9.64
O4' ADP D . -1.10 8.24 -9.75
C3' ADP D . 1.15 8.88 -10.21
O3' ADP D . 1.41 8.52 -11.55
C2' ADP D . 0.25 10.06 -10.27
O2' ADP D . 0.59 10.92 -11.34
C1' ADP D . -1.08 9.41 -10.59
N9 ADP D . -2.14 10.39 -10.31
C8 ADP D . -2.43 10.95 -9.13
N7 ADP D . -3.46 11.84 -9.28
C5 ADP D . -3.80 11.84 -10.59
C6 ADP D . -4.80 12.50 -11.44
N6 ADP D . -5.68 13.40 -10.93
N1 ADP D . -4.80 12.22 -12.76
C2 ADP D . -3.96 11.33 -13.32
N3 ADP D . -3.05 10.68 -12.59
C4 ADP D . -2.91 10.91 -11.27
C ACY E . 5.33 15.85 8.47
OXT ACY E . 4.84 15.96 7.32
CH3 ACY E . 4.36 15.96 9.61
C1 GOL F . 7.66 -3.97 -8.47
O1 GOL F . 7.20 -5.19 -8.99
C2 GOL F . 7.46 -4.11 -6.98
O2 GOL F . 8.31 -5.13 -6.49
C3 GOL F . 7.79 -2.78 -6.32
O3 GOL F . 7.48 -1.72 -7.19
C1 GOL G . 4.75 10.77 -9.67
C2 GOL G . 5.78 10.10 -10.57
O2 GOL G . 6.65 9.33 -9.75
C3 GOL G . 5.08 9.25 -11.64
O3 GOL G . 3.90 9.86 -12.15
#